data_5COZ
#
_entry.id   5COZ
#
_cell.length_a   47.090
_cell.length_b   60.060
_cell.length_c   130.480
_cell.angle_alpha   90.000
_cell.angle_beta   90.000
_cell.angle_gamma   90.000
#
_symmetry.space_group_name_H-M   'P 21 21 21'
#
loop_
_entity.id
_entity.type
_entity.pdbx_description
1 polymer 'Uncharacterized protein'
2 non-polymer 'SODIUM ION'
3 water water
#
_entity_poly.entity_id   1
_entity_poly.type   'polypeptide(L)'
_entity_poly.pdbx_seq_one_letter_code
;GIDDGTQANTTDLNDYENVLNSLDEEQIGKLPQNIKCVVNDKLNIDSEINIWDATSYYVKSGKVKAINFSENKDKCYDL
(MSE)EKLAKAINLNKDVCVQSHRSENGNEIYLWDNNYTQDSIAIRNDSALAETHDGKLAVSASKFGTYYSPFNDKDKFR
TDKQL(MSE)F(MSE)SAEEAEELAVKTAKELEINVCEKNELYVLDDKNTLIFPEDDTDKQNDTYVFF(MSE)FPDVYGI
PYSRCPENEALTGYANQENHLVIA(MSE)DEKGISFLDIPPLYDWVETTETGEILHPSSILSKEVDKLKKYVTSGDIEVS
EISLEY(MSE)LFADKNETYDIKPVWVVYYYQNQLVTGENSYTQK(MSE)ALYDVYDAYTGEEYRIQ
;
_entity_poly.pdbx_strand_id   A
#
loop_
_chem_comp.id
_chem_comp.type
_chem_comp.name
_chem_comp.formula
NA non-polymer 'SODIUM ION' 'Na 1'
#
# COMPACT_ATOMS: atom_id res chain seq x y z
N ASP A 12 13.27 -22.16 -21.45
CA ASP A 12 12.92 -22.31 -20.04
C ASP A 12 12.28 -21.01 -19.48
N LEU A 13 11.12 -21.17 -18.82
CA LEU A 13 10.33 -20.13 -18.16
C LEU A 13 11.16 -19.41 -17.07
N ASN A 14 12.19 -20.10 -16.53
CA ASN A 14 13.03 -19.57 -15.47
C ASN A 14 14.40 -19.04 -15.97
N ASP A 15 14.60 -18.84 -17.29
CA ASP A 15 15.86 -18.26 -17.81
C ASP A 15 15.71 -16.73 -17.81
N TYR A 16 16.76 -15.97 -17.40
CA TYR A 16 16.66 -14.50 -17.30
C TYR A 16 16.33 -13.81 -18.64
N GLU A 17 16.98 -14.18 -19.74
CA GLU A 17 16.68 -13.56 -21.03
C GLU A 17 15.25 -13.87 -21.49
N ASN A 18 14.73 -15.07 -21.20
CA ASN A 18 13.35 -15.43 -21.52
C ASN A 18 12.38 -14.61 -20.67
N VAL A 19 12.76 -14.38 -19.41
CA VAL A 19 11.94 -13.56 -18.51
C VAL A 19 11.87 -12.13 -19.07
N LEU A 20 13.02 -11.56 -19.49
CA LEU A 20 12.99 -10.22 -20.09
C LEU A 20 12.06 -10.16 -21.27
N ASN A 21 12.13 -11.17 -22.17
N ASN A 21 12.13 -11.18 -22.17
CA ASN A 21 11.26 -11.19 -23.35
CA ASN A 21 11.26 -11.23 -23.36
C ASN A 21 9.79 -11.28 -22.96
C ASN A 21 9.79 -11.29 -22.97
N SER A 22 9.47 -12.04 -21.89
CA SER A 22 8.09 -12.18 -21.42
C SER A 22 7.55 -10.83 -20.89
N LEU A 23 8.46 -9.91 -20.51
CA LEU A 23 8.05 -8.60 -20.02
C LEU A 23 8.00 -7.55 -21.13
N ASP A 24 8.15 -8.00 -22.39
CA ASP A 24 8.16 -7.07 -23.52
C ASP A 24 6.89 -7.20 -24.37
N GLU A 25 5.78 -7.61 -23.75
CA GLU A 25 4.52 -7.79 -24.45
C GLU A 25 3.98 -6.46 -25.01
N GLU A 26 3.51 -6.47 -26.26
CA GLU A 26 2.97 -5.27 -26.90
CA GLU A 26 2.96 -5.28 -26.90
C GLU A 26 1.66 -4.83 -26.23
N GLN A 27 0.92 -5.78 -25.60
CA GLN A 27 -0.31 -5.50 -24.87
C GLN A 27 -0.06 -5.68 -23.41
N ILE A 28 -0.33 -4.63 -22.64
CA ILE A 28 -0.04 -4.64 -21.20
C ILE A 28 -0.78 -5.79 -20.47
N GLY A 29 -1.98 -6.09 -20.92
CA GLY A 29 -2.80 -7.15 -20.35
C GLY A 29 -2.26 -8.54 -20.58
N LYS A 30 -1.25 -8.69 -21.46
CA LYS A 30 -0.65 -10.00 -21.74
C LYS A 30 0.66 -10.26 -20.97
N LEU A 31 1.10 -9.26 -20.16
CA LEU A 31 2.29 -9.48 -19.32
C LEU A 31 1.99 -10.55 -18.33
N PRO A 32 3.03 -11.28 -17.88
CA PRO A 32 2.79 -12.28 -16.83
C PRO A 32 2.49 -11.59 -15.50
N GLN A 33 1.95 -12.34 -14.53
CA GLN A 33 1.66 -11.78 -13.22
CA GLN A 33 1.65 -11.80 -13.21
C GLN A 33 2.77 -12.14 -12.22
N ASN A 34 3.62 -13.10 -12.56
CA ASN A 34 4.73 -13.54 -11.71
C ASN A 34 5.88 -13.96 -12.60
N ILE A 35 7.10 -13.69 -12.16
CA ILE A 35 8.31 -14.11 -12.89
C ILE A 35 9.30 -14.69 -11.87
N LYS A 36 10.13 -15.64 -12.30
CA LYS A 36 11.13 -16.22 -11.41
C LYS A 36 12.33 -16.66 -12.24
N CYS A 37 13.52 -16.20 -11.87
CA CYS A 37 14.76 -16.59 -12.54
C CYS A 37 15.96 -16.18 -11.71
N VAL A 38 17.06 -16.85 -11.94
CA VAL A 38 18.33 -16.51 -11.33
C VAL A 38 19.09 -15.61 -12.31
N VAL A 39 19.66 -14.51 -11.84
CA VAL A 39 20.51 -13.68 -12.68
C VAL A 39 21.95 -14.15 -12.51
N ASN A 40 22.41 -14.23 -11.25
CA ASN A 40 23.74 -14.75 -10.93
C ASN A 40 23.67 -15.28 -9.48
N ASP A 41 24.81 -15.78 -8.95
CA ASP A 41 24.73 -16.42 -7.63
CA ASP A 41 24.88 -16.36 -7.60
C ASP A 41 24.47 -15.43 -6.47
N LYS A 42 24.35 -14.12 -6.74
CA LYS A 42 24.07 -13.15 -5.68
C LYS A 42 22.83 -12.31 -6.02
N LEU A 43 22.12 -12.63 -7.12
CA LEU A 43 20.98 -11.85 -7.58
C LEU A 43 19.93 -12.75 -8.19
N ASN A 44 18.79 -12.78 -7.51
CA ASN A 44 17.66 -13.59 -7.87
CA ASN A 44 17.64 -13.58 -7.90
C ASN A 44 16.42 -12.73 -8.14
N ILE A 45 15.52 -13.22 -8.96
CA ILE A 45 14.24 -12.56 -9.21
C ILE A 45 13.14 -13.54 -8.84
N ASP A 46 12.24 -13.18 -7.93
CA ASP A 46 11.08 -14.01 -7.59
C ASP A 46 9.98 -13.01 -7.31
N SER A 47 9.38 -12.54 -8.39
CA SER A 47 8.63 -11.31 -8.38
C SER A 47 7.23 -11.34 -8.91
N GLU A 48 6.36 -10.58 -8.24
CA GLU A 48 5.05 -10.27 -8.74
C GLU A 48 5.23 -9.19 -9.81
N ILE A 49 4.35 -9.16 -10.81
CA ILE A 49 4.27 -8.13 -11.82
C ILE A 49 2.91 -7.51 -11.66
N ASN A 50 2.86 -6.21 -11.35
CA ASN A 50 1.57 -5.54 -11.11
C ASN A 50 1.33 -4.40 -12.04
N ILE A 51 0.38 -4.58 -12.98
CA ILE A 51 -0.04 -3.50 -13.88
C ILE A 51 -1.50 -3.11 -13.53
N TRP A 52 -2.07 -3.78 -12.51
CA TRP A 52 -3.34 -3.37 -11.90
C TRP A 52 -4.43 -3.33 -12.96
N ASP A 53 -5.22 -2.24 -13.04
CA ASP A 53 -6.30 -2.19 -14.00
C ASP A 53 -5.97 -1.29 -15.20
N ALA A 54 -4.66 -1.10 -15.49
CA ALA A 54 -4.27 -0.31 -16.65
C ALA A 54 -4.74 -0.97 -17.94
N THR A 55 -5.32 -0.19 -18.87
CA THR A 55 -5.88 -0.79 -20.07
C THR A 55 -4.91 -0.76 -21.24
N SER A 56 -3.80 -0.01 -21.11
CA SER A 56 -2.81 0.07 -22.17
C SER A 56 -1.56 0.71 -21.64
N TYR A 57 -0.55 0.83 -22.50
CA TYR A 57 0.69 1.51 -22.13
C TYR A 57 0.58 3.04 -22.32
N TYR A 58 -0.55 3.55 -22.84
CA TYR A 58 -0.71 5.00 -22.99
C TYR A 58 -1.31 5.54 -21.73
N VAL A 59 -0.53 6.33 -20.98
CA VAL A 59 -0.92 6.77 -19.64
C VAL A 59 -0.85 8.27 -19.53
N LYS A 60 -1.89 8.83 -18.90
CA LYS A 60 -1.97 10.25 -18.64
C LYS A 60 -1.14 10.67 -17.45
N SER A 61 -0.55 11.87 -17.55
CA SER A 61 -0.04 12.61 -16.41
C SER A 61 -1.03 13.71 -16.15
N GLY A 62 -1.03 14.23 -14.95
CA GLY A 62 -1.98 15.30 -14.68
C GLY A 62 -1.70 16.05 -13.41
N LYS A 63 -2.70 16.80 -13.00
CA LYS A 63 -2.71 17.54 -11.74
C LYS A 63 -3.84 17.01 -10.93
N VAL A 64 -3.63 16.85 -9.62
CA VAL A 64 -4.68 16.44 -8.68
C VAL A 64 -4.67 17.39 -7.50
N LYS A 65 -5.77 17.45 -6.79
CA LYS A 65 -5.87 18.22 -5.56
C LYS A 65 -6.06 17.28 -4.42
N ALA A 66 -5.45 17.57 -3.29
CA ALA A 66 -5.68 16.78 -2.10
C ALA A 66 -7.13 16.86 -1.68
N ILE A 67 -7.71 15.72 -1.26
CA ILE A 67 -9.05 15.69 -0.67
C ILE A 67 -8.83 15.95 0.81
N ASN A 68 -9.41 17.04 1.32
CA ASN A 68 -9.27 17.35 2.74
C ASN A 68 -10.51 16.81 3.44
N PHE A 69 -10.32 15.76 4.25
CA PHE A 69 -11.48 15.09 4.84
C PHE A 69 -12.19 15.90 5.91
N SER A 70 -11.50 16.83 6.56
CA SER A 70 -12.09 17.51 7.71
C SER A 70 -12.40 19.00 7.53
N GLU A 71 -11.95 19.64 6.43
CA GLU A 71 -12.15 21.10 6.27
C GLU A 71 -13.63 21.47 6.12
N ASN A 72 -14.42 20.63 5.43
CA ASN A 72 -15.85 20.85 5.24
C ASN A 72 -16.53 19.96 6.27
N LYS A 73 -17.13 20.59 7.30
CA LYS A 73 -17.72 19.84 8.41
C LYS A 73 -18.80 18.86 7.96
N ASP A 74 -19.66 19.23 6.99
CA ASP A 74 -20.71 18.34 6.44
C ASP A 74 -20.09 17.08 5.86
N LYS A 75 -19.09 17.27 4.96
CA LYS A 75 -18.41 16.15 4.31
C LYS A 75 -17.73 15.27 5.33
N CYS A 76 -17.14 15.90 6.37
CA CYS A 76 -16.46 15.17 7.43
C CYS A 76 -17.44 14.25 8.15
N TYR A 77 -18.59 14.80 8.54
CA TYR A 77 -19.58 14.03 9.27
C TYR A 77 -20.19 12.95 8.38
N ASP A 78 -20.32 13.22 7.08
CA ASP A 78 -20.81 12.19 6.15
C ASP A 78 -19.83 10.99 6.14
N LEU A 79 -18.51 11.27 6.13
CA LEU A 79 -17.51 10.21 6.19
C LEU A 79 -17.61 9.48 7.55
N MSE A 80 -17.77 10.25 8.65
CA MSE A 80 -17.93 9.68 9.97
C MSE A 80 -19.09 8.65 9.98
O MSE A 80 -18.94 7.59 10.56
CB MSE A 80 -18.15 10.79 11.04
CG MSE A 80 -18.45 10.22 12.45
SE MSE A 80 -20.35 9.82 12.75
CE MSE A 80 -21.04 11.68 12.61
N GLU A 81 -20.25 8.97 9.38
CA GLU A 81 -21.37 8.04 9.44
C GLU A 81 -21.06 6.76 8.68
N LYS A 82 -20.35 6.87 7.53
CA LYS A 82 -19.99 5.67 6.77
C LYS A 82 -19.03 4.82 7.59
N LEU A 83 -18.05 5.45 8.26
CA LEU A 83 -17.12 4.70 9.12
C LEU A 83 -17.82 4.09 10.32
N ALA A 84 -18.79 4.82 10.94
CA ALA A 84 -19.55 4.31 12.07
C ALA A 84 -20.38 3.09 11.65
N LYS A 85 -20.95 3.09 10.42
CA LYS A 85 -21.73 1.94 9.92
C LYS A 85 -20.79 0.71 9.82
N ALA A 86 -19.60 0.93 9.24
CA ALA A 86 -18.62 -0.14 9.05
C ALA A 86 -18.22 -0.84 10.36
N ILE A 87 -17.89 -0.08 11.43
CA ILE A 87 -17.44 -0.70 12.69
C ILE A 87 -18.59 -0.93 13.69
N ASN A 88 -19.83 -0.63 13.28
CA ASN A 88 -21.05 -0.77 14.11
C ASN A 88 -20.94 0.06 15.39
N LEU A 89 -20.46 1.31 15.23
CA LEU A 89 -20.29 2.21 16.37
C LEU A 89 -21.66 2.65 16.90
N ASN A 90 -21.83 2.65 18.23
CA ASN A 90 -23.09 3.11 18.80
C ASN A 90 -23.00 4.65 18.88
N LYS A 91 -23.55 5.34 17.86
CA LYS A 91 -23.46 6.81 17.71
C LYS A 91 -24.17 7.55 18.85
N ASP A 92 -25.24 6.96 19.44
CA ASP A 92 -25.98 7.57 20.55
C ASP A 92 -25.12 7.87 21.76
N VAL A 93 -24.24 6.93 22.16
CA VAL A 93 -23.43 7.02 23.38
C VAL A 93 -22.03 7.62 23.13
N CYS A 94 -21.67 7.88 21.88
CA CYS A 94 -20.38 8.47 21.52
CA CYS A 94 -20.32 8.37 21.69
C CYS A 94 -20.22 9.88 21.98
N VAL A 95 -18.98 10.29 22.26
CA VAL A 95 -18.61 11.65 22.61
C VAL A 95 -17.78 12.21 21.48
N GLN A 96 -18.21 13.35 20.95
CA GLN A 96 -17.50 14.03 19.90
C GLN A 96 -16.49 15.01 20.52
N SER A 97 -15.33 15.14 19.89
CA SER A 97 -14.36 16.18 20.23
C SER A 97 -13.74 16.70 18.96
N HIS A 98 -13.18 17.92 19.04
CA HIS A 98 -12.61 18.59 17.89
C HIS A 98 -11.45 19.48 18.32
N ARG A 99 -10.38 19.53 17.48
CA ARG A 99 -9.21 20.39 17.64
C ARG A 99 -8.83 20.99 16.32
N SER A 100 -8.15 22.15 16.35
CA SER A 100 -7.58 22.79 15.17
C SER A 100 -6.08 22.88 15.38
N GLU A 101 -5.29 22.34 14.46
CA GLU A 101 -3.82 22.38 14.61
C GLU A 101 -3.19 22.80 13.31
N ASN A 102 -2.56 24.00 13.28
CA ASN A 102 -1.90 24.58 12.09
C ASN A 102 -2.82 24.60 10.85
N GLY A 103 -4.06 25.02 11.05
CA GLY A 103 -5.04 25.11 9.97
C GLY A 103 -5.71 23.80 9.61
N ASN A 104 -5.33 22.69 10.27
CA ASN A 104 -5.95 21.39 10.03
C ASN A 104 -6.99 21.10 11.10
N GLU A 105 -8.17 20.63 10.70
CA GLU A 105 -9.25 20.27 11.64
C GLU A 105 -9.17 18.80 11.98
N ILE A 106 -9.34 18.46 13.25
CA ILE A 106 -9.30 17.07 13.71
C ILE A 106 -10.58 16.78 14.46
N TYR A 107 -11.34 15.77 14.02
CA TYR A 107 -12.58 15.38 14.66
C TYR A 107 -12.47 13.99 15.21
N LEU A 108 -12.95 13.80 16.43
CA LEU A 108 -12.93 12.51 17.09
C LEU A 108 -14.29 12.13 17.59
N TRP A 109 -14.60 10.83 17.54
CA TRP A 109 -15.82 10.26 18.14
C TRP A 109 -15.38 9.05 18.93
N ASP A 110 -15.67 9.05 20.22
CA ASP A 110 -15.23 7.95 21.06
C ASP A 110 -16.36 7.35 21.85
N ASN A 111 -16.40 6.02 21.89
CA ASN A 111 -17.32 5.31 22.78
C ASN A 111 -16.45 4.88 23.92
N ASN A 112 -16.54 5.58 25.05
CA ASN A 112 -15.68 5.31 26.19
C ASN A 112 -16.05 4.00 26.93
N TYR A 113 -17.22 3.41 26.67
CA TYR A 113 -17.57 2.13 27.29
C TYR A 113 -16.91 0.95 26.54
N THR A 114 -17.00 0.95 25.20
CA THR A 114 -16.48 -0.14 24.35
C THR A 114 -15.06 0.09 23.86
N GLN A 115 -14.59 1.35 23.88
CA GLN A 115 -13.27 1.78 23.44
C GLN A 115 -13.20 1.82 21.89
N ASP A 116 -14.37 1.90 21.22
CA ASP A 116 -14.43 2.10 19.77
C ASP A 116 -14.14 3.57 19.46
N SER A 117 -13.53 3.85 18.31
CA SER A 117 -13.26 5.24 18.00
C SER A 117 -13.20 5.51 16.51
N ILE A 118 -13.49 6.77 16.17
CA ILE A 118 -13.34 7.31 14.83
C ILE A 118 -12.50 8.57 14.94
N ALA A 119 -11.50 8.75 14.07
CA ALA A 119 -10.72 9.98 14.06
C ALA A 119 -10.56 10.40 12.65
N ILE A 120 -10.91 11.67 12.34
CA ILE A 120 -10.78 12.17 10.99
C ILE A 120 -9.95 13.44 11.01
N ARG A 121 -8.88 13.47 10.19
CA ARG A 121 -7.99 14.62 10.03
C ARG A 121 -8.06 15.09 8.57
N ASN A 122 -7.20 16.04 8.17
CA ASN A 122 -7.26 16.50 6.77
C ASN A 122 -6.90 15.41 5.75
N ASP A 123 -5.92 14.52 6.07
CA ASP A 123 -5.45 13.55 5.09
C ASP A 123 -5.45 12.12 5.60
N SER A 124 -6.28 11.85 6.62
CA SER A 124 -6.37 10.49 7.15
CA SER A 124 -6.34 10.51 7.22
C SER A 124 -7.67 10.32 7.91
N ALA A 125 -8.17 9.09 7.93
CA ALA A 125 -9.35 8.78 8.70
C ALA A 125 -9.14 7.38 9.24
N LEU A 126 -9.46 7.19 10.52
CA LEU A 126 -9.29 5.88 11.12
C LEU A 126 -10.49 5.52 11.97
N ALA A 127 -11.12 4.38 11.70
CA ALA A 127 -12.19 3.84 12.53
C ALA A 127 -11.69 2.50 13.09
N GLU A 128 -11.84 2.27 14.38
CA GLU A 128 -11.37 0.99 14.92
C GLU A 128 -12.11 0.58 16.17
N THR A 129 -12.23 -0.72 16.35
CA THR A 129 -12.72 -1.31 17.59
C THR A 129 -11.50 -1.51 18.46
N HIS A 130 -11.70 -1.77 19.77
CA HIS A 130 -10.57 -2.02 20.65
C HIS A 130 -9.78 -3.27 20.15
N ASP A 131 -10.48 -4.35 19.77
CA ASP A 131 -9.83 -5.55 19.27
C ASP A 131 -9.10 -5.29 17.91
N GLY A 132 -9.72 -4.49 17.05
CA GLY A 132 -9.11 -4.16 15.76
C GLY A 132 -7.84 -3.35 15.94
N LYS A 133 -7.89 -2.35 16.80
CA LYS A 133 -6.73 -1.54 17.17
C LYS A 133 -5.56 -2.45 17.62
N LEU A 134 -5.83 -3.38 18.55
CA LEU A 134 -4.75 -4.22 19.05
C LEU A 134 -4.26 -5.23 18.01
N ALA A 135 -5.18 -5.77 17.19
CA ALA A 135 -4.74 -6.70 16.14
C ALA A 135 -3.84 -6.05 15.11
N VAL A 136 -4.21 -4.84 14.65
CA VAL A 136 -3.45 -4.25 13.56
C VAL A 136 -2.30 -3.36 14.03
N SER A 137 -2.36 -2.83 15.26
CA SER A 137 -1.30 -1.89 15.65
C SER A 137 -0.62 -2.17 17.00
N ALA A 138 -0.96 -3.27 17.68
CA ALA A 138 -0.30 -3.60 18.95
C ALA A 138 0.23 -5.04 18.94
N SER A 139 0.36 -5.61 17.74
CA SER A 139 0.77 -6.99 17.60
C SER A 139 1.96 -7.14 16.65
N LYS A 140 2.30 -8.37 16.23
CA LYS A 140 3.45 -8.62 15.37
C LYS A 140 3.26 -8.01 13.96
N PHE A 141 2.01 -7.96 13.49
CA PHE A 141 1.73 -7.41 12.17
C PHE A 141 2.03 -5.92 12.14
N GLY A 142 2.57 -5.47 11.01
CA GLY A 142 2.85 -4.05 10.77
C GLY A 142 2.53 -3.76 9.33
N THR A 143 2.09 -2.54 9.05
CA THR A 143 1.65 -2.18 7.72
C THR A 143 2.73 -1.57 6.83
N TYR A 144 3.93 -1.23 7.37
CA TYR A 144 4.94 -0.53 6.58
C TYR A 144 5.84 -1.46 5.81
N TYR A 145 6.09 -1.09 4.55
CA TYR A 145 7.04 -1.86 3.73
C TYR A 145 8.45 -1.76 4.34
N SER A 146 8.87 -0.54 4.73
N SER A 146 8.89 -0.54 4.69
CA SER A 146 10.18 -0.33 5.35
CA SER A 146 10.21 -0.32 5.25
C SER A 146 10.15 -0.65 6.82
C SER A 146 10.20 -0.57 6.78
N PRO A 147 11.23 -1.22 7.37
CA PRO A 147 12.48 -1.66 6.73
C PRO A 147 12.57 -3.14 6.37
N PHE A 148 11.58 -3.95 6.76
CA PHE A 148 11.69 -5.40 6.56
C PHE A 148 10.55 -6.04 5.79
N ASN A 149 9.48 -5.28 5.52
CA ASN A 149 8.27 -5.80 4.86
C ASN A 149 7.69 -6.95 5.68
N ASP A 150 7.56 -6.68 6.99
CA ASP A 150 7.10 -7.65 7.98
CA ASP A 150 7.04 -7.59 8.03
C ASP A 150 5.74 -8.26 7.59
N LYS A 151 4.86 -7.50 6.93
CA LYS A 151 3.53 -8.00 6.53
C LYS A 151 3.58 -9.23 5.64
N ASP A 152 4.63 -9.38 4.84
CA ASP A 152 4.68 -10.45 3.86
C ASP A 152 4.48 -11.84 4.48
N LYS A 153 4.95 -12.05 5.71
CA LYS A 153 4.81 -13.39 6.33
CA LYS A 153 4.82 -13.37 6.36
C LYS A 153 3.35 -13.73 6.65
N PHE A 154 2.47 -12.73 6.67
CA PHE A 154 1.04 -12.98 6.92
C PHE A 154 0.20 -13.14 5.64
N ARG A 155 0.82 -13.02 4.44
CA ARG A 155 0.10 -13.15 3.19
C ARG A 155 0.00 -14.62 2.82
N THR A 156 -1.00 -15.32 3.40
CA THR A 156 -1.15 -16.77 3.19
C THR A 156 -2.54 -17.08 2.66
N ASP A 157 -2.79 -18.38 2.33
CA ASP A 157 -4.09 -18.83 1.84
C ASP A 157 -4.96 -19.38 2.96
N LYS A 158 -4.54 -19.22 4.23
CA LYS A 158 -5.35 -19.76 5.34
C LYS A 158 -6.76 -19.14 5.34
N GLN A 159 -7.76 -19.98 5.58
CA GLN A 159 -9.14 -19.54 5.69
C GLN A 159 -9.51 -19.53 7.15
N LEU A 160 -9.91 -18.37 7.67
CA LEU A 160 -10.31 -18.29 9.08
C LEU A 160 -11.68 -18.92 9.22
N MSE A 161 -12.08 -19.27 10.46
CA MSE A 161 -13.28 -20.06 10.59
C MSE A 161 -14.60 -19.28 10.63
O MSE A 161 -15.64 -19.90 10.44
CB MSE A 161 -13.19 -20.94 11.82
CG MSE A 161 -12.25 -22.11 11.58
SE MSE A 161 -12.35 -23.47 12.97
CE MSE A 161 -11.27 -22.55 14.21
N PHE A 162 -14.56 -17.95 10.84
CA PHE A 162 -15.81 -17.20 10.95
C PHE A 162 -16.37 -16.78 9.59
N MSE A 163 -15.51 -16.76 8.55
CA MSE A 163 -15.94 -16.45 7.18
CA MSE A 163 -15.88 -16.33 7.20
C MSE A 163 -14.80 -16.77 6.23
O MSE A 163 -13.63 -16.72 6.60
CB MSE A 163 -16.43 -15.00 7.02
CB MSE A 163 -16.00 -14.80 7.20
CG MSE A 163 -15.31 -13.97 6.92
CG MSE A 163 -16.54 -14.22 5.93
SE MSE A 163 -15.87 -12.12 7.14
SE MSE A 163 -16.81 -12.33 6.09
CE MSE A 163 -17.34 -12.08 5.92
CE MSE A 163 -18.44 -12.34 7.16
N SER A 164 -15.17 -17.14 5.00
CA SER A 164 -14.15 -17.48 4.00
C SER A 164 -13.44 -16.21 3.54
N ALA A 165 -12.25 -16.38 2.93
CA ALA A 165 -11.52 -15.23 2.40
C ALA A 165 -12.33 -14.57 1.28
N GLU A 166 -13.05 -15.39 0.47
CA GLU A 166 -13.89 -14.88 -0.61
C GLU A 166 -15.02 -14.01 -0.04
N GLU A 167 -15.73 -14.47 1.02
CA GLU A 167 -16.79 -13.70 1.64
C GLU A 167 -16.24 -12.42 2.29
N ALA A 168 -15.05 -12.53 2.92
CA ALA A 168 -14.39 -11.38 3.55
C ALA A 168 -14.02 -10.33 2.48
N GLU A 169 -13.53 -10.79 1.32
CA GLU A 169 -13.19 -9.89 0.21
C GLU A 169 -14.42 -9.18 -0.31
N GLU A 170 -15.55 -9.89 -0.39
CA GLU A 170 -16.80 -9.26 -0.85
C GLU A 170 -17.21 -8.13 0.11
N LEU A 171 -17.02 -8.31 1.43
CA LEU A 171 -17.35 -7.26 2.39
C LEU A 171 -16.37 -6.08 2.26
N ALA A 172 -15.07 -6.37 2.02
CA ALA A 172 -14.09 -5.28 1.86
C ALA A 172 -14.41 -4.44 0.59
N VAL A 173 -14.81 -5.13 -0.51
CA VAL A 173 -15.14 -4.47 -1.80
C VAL A 173 -16.40 -3.62 -1.62
N LYS A 174 -17.41 -4.17 -0.91
CA LYS A 174 -18.65 -3.45 -0.63
C LYS A 174 -18.38 -2.21 0.23
N THR A 175 -17.44 -2.32 1.20
CA THR A 175 -17.12 -1.19 2.08
C THR A 175 -16.40 -0.07 1.30
N ALA A 176 -15.43 -0.43 0.43
CA ALA A 176 -14.75 0.60 -0.36
C ALA A 176 -15.76 1.31 -1.27
N LYS A 177 -16.75 0.56 -1.82
CA LYS A 177 -17.79 1.14 -2.67
C LYS A 177 -18.65 2.11 -1.87
N GLU A 178 -19.08 1.72 -0.65
CA GLU A 178 -19.85 2.60 0.26
C GLU A 178 -19.09 3.87 0.58
N LEU A 179 -17.76 3.75 0.72
CA LEU A 179 -16.93 4.91 1.07
C LEU A 179 -16.66 5.81 -0.14
N GLU A 180 -17.05 5.33 -1.35
CA GLU A 180 -16.88 6.05 -2.61
C GLU A 180 -15.40 6.22 -2.91
N ILE A 181 -14.61 5.16 -2.62
CA ILE A 181 -13.20 5.16 -2.91
C ILE A 181 -12.96 4.15 -4.02
N ASN A 182 -12.60 4.63 -5.21
CA ASN A 182 -12.25 3.74 -6.31
CA ASN A 182 -12.25 3.74 -6.32
C ASN A 182 -10.93 3.06 -5.99
N VAL A 183 -10.89 1.75 -6.13
CA VAL A 183 -9.68 0.99 -5.82
C VAL A 183 -9.40 0.00 -6.95
N CYS A 184 -8.14 -0.46 -7.05
CA CYS A 184 -7.85 -1.53 -8.01
C CYS A 184 -8.64 -2.79 -7.71
N GLU A 185 -8.88 -3.61 -8.74
CA GLU A 185 -9.54 -4.89 -8.53
C GLU A 185 -8.69 -5.80 -7.66
N LYS A 186 -7.35 -5.76 -7.82
CA LYS A 186 -6.46 -6.57 -7.01
C LYS A 186 -6.26 -5.94 -5.62
N ASN A 187 -6.47 -6.75 -4.60
CA ASN A 187 -6.16 -6.35 -3.23
C ASN A 187 -5.23 -7.43 -2.66
N GLU A 188 -4.62 -7.13 -1.53
CA GLU A 188 -3.74 -8.06 -0.83
C GLU A 188 -4.42 -8.45 0.46
N LEU A 189 -4.33 -9.72 0.80
CA LEU A 189 -4.95 -10.23 2.01
C LEU A 189 -3.89 -10.77 2.97
N TYR A 190 -3.98 -10.31 4.23
CA TYR A 190 -3.10 -10.76 5.32
C TYR A 190 -3.93 -11.46 6.36
N VAL A 191 -3.47 -12.63 6.81
CA VAL A 191 -4.19 -13.45 7.77
C VAL A 191 -3.54 -13.31 9.15
N LEU A 192 -4.25 -12.62 10.06
CA LEU A 192 -3.72 -12.36 11.38
C LEU A 192 -4.33 -13.36 12.36
N ASP A 193 -3.76 -14.57 12.35
CA ASP A 193 -4.19 -15.63 13.25
C ASP A 193 -3.23 -15.67 14.48
N ASP A 194 -3.04 -16.84 15.12
CA ASP A 194 -2.17 -16.90 16.31
C ASP A 194 -0.72 -16.43 16.03
N LYS A 195 -0.28 -16.43 14.74
CA LYS A 195 1.08 -15.97 14.39
C LYS A 195 1.20 -14.46 14.64
N ASN A 196 0.06 -13.78 14.71
CA ASN A 196 0.03 -12.35 15.00
C ASN A 196 0.06 -12.14 16.52
N THR A 197 1.23 -12.39 17.14
CA THR A 197 1.39 -12.31 18.59
C THR A 197 0.98 -10.95 19.12
N LEU A 198 0.14 -10.93 20.17
CA LEU A 198 -0.24 -9.69 20.80
C LEU A 198 0.95 -9.23 21.67
N ILE A 199 1.58 -8.11 21.29
CA ILE A 199 2.78 -7.63 21.97
C ILE A 199 2.44 -6.61 23.04
N PHE A 200 1.47 -5.72 22.77
CA PHE A 200 1.14 -4.68 23.73
C PHE A 200 -0.34 -4.74 24.17
N PRO A 201 -0.73 -5.72 25.02
CA PRO A 201 -2.11 -5.72 25.52
C PRO A 201 -2.32 -4.50 26.43
N GLU A 202 -3.56 -4.04 26.56
CA GLU A 202 -3.84 -2.89 27.43
C GLU A 202 -4.32 -3.38 28.78
N ASP A 203 -5.01 -4.53 28.79
CA ASP A 203 -5.54 -5.22 29.96
C ASP A 203 -5.18 -6.70 29.86
N ASP A 204 -5.32 -7.44 30.97
CA ASP A 204 -5.05 -8.88 31.03
C ASP A 204 -6.11 -9.67 30.26
N THR A 205 -7.24 -9.03 29.93
CA THR A 205 -8.34 -9.63 29.17
C THR A 205 -8.02 -9.60 27.65
N ASP A 206 -7.08 -8.76 27.19
CA ASP A 206 -6.74 -8.68 25.75
C ASP A 206 -6.00 -9.92 25.28
N LYS A 207 -6.50 -10.55 24.18
CA LYS A 207 -5.89 -11.76 23.59
C LYS A 207 -5.83 -11.63 22.08
N GLN A 208 -5.12 -12.55 21.41
CA GLN A 208 -5.09 -12.58 19.95
C GLN A 208 -6.48 -12.96 19.42
N ASN A 209 -6.98 -12.18 18.46
CA ASN A 209 -8.28 -12.40 17.81
C ASN A 209 -8.08 -12.60 16.32
N ASP A 210 -8.57 -13.73 15.76
CA ASP A 210 -8.39 -14.01 14.34
C ASP A 210 -8.99 -12.88 13.49
N THR A 211 -8.17 -12.28 12.64
CA THR A 211 -8.56 -11.12 11.86
C THR A 211 -8.02 -11.21 10.44
N TYR A 212 -8.86 -10.88 9.46
CA TYR A 212 -8.38 -10.69 8.09
C TYR A 212 -8.02 -9.24 7.90
N VAL A 213 -6.94 -8.92 7.21
CA VAL A 213 -6.61 -7.54 6.88
C VAL A 213 -6.46 -7.42 5.38
N PHE A 214 -7.30 -6.60 4.76
CA PHE A 214 -7.13 -6.32 3.34
C PHE A 214 -6.43 -5.03 3.14
N PHE A 215 -5.54 -4.99 2.14
CA PHE A 215 -4.99 -3.77 1.61
C PHE A 215 -5.63 -3.57 0.27
N MSE A 216 -6.35 -2.46 0.13
CA MSE A 216 -6.91 -2.06 -1.16
CA MSE A 216 -7.01 -1.98 -1.09
C MSE A 216 -6.18 -0.82 -1.59
O MSE A 216 -5.59 -0.12 -0.78
CB MSE A 216 -8.40 -1.83 -1.09
CB MSE A 216 -8.44 -1.54 -0.75
CG MSE A 216 -9.06 -2.97 -0.35
CG MSE A 216 -9.07 -2.38 0.37
SE MSE A 216 -10.92 -2.71 -0.14
SE MSE A 216 -9.66 -4.14 -0.24
CE MSE A 216 -11.34 -3.50 -1.53
CE MSE A 216 -11.16 -3.34 -1.11
N PHE A 217 -6.14 -0.59 -2.92
CA PHE A 217 -5.31 0.47 -3.43
C PHE A 217 -6.08 1.53 -4.21
N PRO A 218 -6.35 2.68 -3.57
CA PRO A 218 -7.04 3.79 -4.26
C PRO A 218 -6.33 4.10 -5.57
N ASP A 219 -7.13 4.26 -6.65
CA ASP A 219 -6.53 4.44 -7.94
C ASP A 219 -7.25 5.45 -8.80
N VAL A 220 -6.67 5.73 -9.97
CA VAL A 220 -7.27 6.61 -10.97
C VAL A 220 -6.76 6.05 -12.31
N TYR A 221 -7.64 5.96 -13.32
CA TYR A 221 -7.30 5.35 -14.62
C TYR A 221 -6.71 3.95 -14.43
N GLY A 222 -7.21 3.25 -13.41
CA GLY A 222 -6.81 1.87 -13.14
C GLY A 222 -5.45 1.68 -12.50
N ILE A 223 -4.75 2.77 -12.18
CA ILE A 223 -3.39 2.71 -11.66
C ILE A 223 -3.40 3.26 -10.24
N PRO A 224 -2.84 2.51 -9.29
CA PRO A 224 -2.88 2.97 -7.90
C PRO A 224 -1.90 4.10 -7.61
N TYR A 225 -2.26 4.98 -6.67
CA TYR A 225 -1.26 5.92 -6.19
C TYR A 225 -0.14 5.12 -5.54
N SER A 226 1.03 5.72 -5.53
CA SER A 226 2.26 5.09 -5.11
C SER A 226 2.18 4.37 -3.76
N ARG A 227 2.72 3.14 -3.74
CA ARG A 227 2.86 2.30 -2.56
C ARG A 227 4.28 2.39 -2.00
N CYS A 228 5.06 3.36 -2.47
CA CYS A 228 6.40 3.58 -1.99
C CYS A 228 6.38 4.11 -0.55
N PRO A 229 7.44 3.79 0.19
CA PRO A 229 7.65 4.46 1.49
C PRO A 229 7.84 5.98 1.33
N GLU A 230 7.72 6.70 2.46
CA GLU A 230 7.98 8.14 2.48
C GLU A 230 9.35 8.44 1.87
N ASN A 231 9.40 9.42 0.97
CA ASN A 231 10.64 9.85 0.33
C ASN A 231 10.42 11.31 -0.06
N GLU A 232 10.52 12.16 0.95
CA GLU A 232 10.19 13.56 0.78
C GLU A 232 11.14 14.25 -0.22
N ALA A 233 12.40 13.75 -0.37
CA ALA A 233 13.28 14.39 -1.35
C ALA A 233 12.76 14.20 -2.77
N LEU A 234 12.15 13.04 -3.02
CA LEU A 234 11.66 12.75 -4.36
C LEU A 234 10.28 13.36 -4.61
N THR A 235 9.37 13.23 -3.64
CA THR A 235 7.96 13.66 -3.87
C THR A 235 7.69 15.10 -3.49
N GLY A 236 8.55 15.68 -2.65
CA GLY A 236 8.35 17.06 -2.21
C GLY A 236 7.49 17.19 -0.98
N TYR A 237 6.97 16.08 -0.41
CA TYR A 237 6.14 16.18 0.78
C TYR A 237 6.24 14.86 1.55
N ALA A 238 5.64 14.79 2.75
CA ALA A 238 5.67 13.57 3.54
C ALA A 238 4.68 12.56 2.98
N ASN A 239 5.05 11.93 1.84
CA ASN A 239 4.16 10.97 1.19
C ASN A 239 4.11 9.70 2.05
N GLN A 240 3.08 8.90 1.81
CA GLN A 240 2.96 7.65 2.53
C GLN A 240 2.43 6.59 1.60
N GLU A 241 2.53 5.34 2.05
CA GLU A 241 2.08 4.22 1.25
C GLU A 241 0.59 4.27 1.03
N ASN A 242 0.20 4.19 -0.24
CA ASN A 242 -1.22 4.24 -0.60
C ASN A 242 -1.89 2.89 -0.37
N HIS A 243 -2.43 2.68 0.83
CA HIS A 243 -3.23 1.50 1.07
C HIS A 243 -4.39 1.87 1.96
N LEU A 244 -5.57 1.44 1.52
CA LEU A 244 -6.81 1.53 2.30
C LEU A 244 -6.85 0.18 3.07
N VAL A 245 -6.73 0.26 4.43
CA VAL A 245 -6.64 -0.93 5.25
C VAL A 245 -8.01 -1.26 5.83
N ILE A 246 -8.54 -2.45 5.52
CA ILE A 246 -9.84 -2.88 6.05
C ILE A 246 -9.65 -4.21 6.72
N ALA A 247 -9.84 -4.25 8.03
CA ALA A 247 -9.70 -5.50 8.77
C ALA A 247 -11.03 -5.96 9.29
N MSE A 248 -11.19 -7.28 9.46
CA MSE A 248 -12.43 -7.81 10.03
CA MSE A 248 -12.44 -7.83 10.00
C MSE A 248 -12.17 -9.05 10.84
O MSE A 248 -11.28 -9.83 10.54
CB MSE A 248 -13.46 -8.09 8.94
CB MSE A 248 -13.45 -8.17 8.89
CG MSE A 248 -12.96 -9.05 7.90
CG MSE A 248 -12.85 -8.93 7.72
SE MSE A 248 -14.02 -9.00 6.29
SE MSE A 248 -12.19 -7.70 6.36
CE MSE A 248 -13.55 -7.32 5.58
CE MSE A 248 -13.89 -7.25 5.56
N ASP A 249 -12.95 -9.20 11.90
CA ASP A 249 -12.88 -10.36 12.79
C ASP A 249 -14.29 -10.96 12.82
N GLU A 250 -14.57 -11.88 13.75
CA GLU A 250 -15.88 -12.54 13.82
C GLU A 250 -17.02 -11.55 14.12
N LYS A 251 -16.70 -10.36 14.63
CA LYS A 251 -17.71 -9.33 14.97
C LYS A 251 -17.96 -8.39 13.78
N GLY A 252 -17.20 -8.53 12.68
CA GLY A 252 -17.35 -7.69 11.50
C GLY A 252 -16.12 -6.82 11.33
N ILE A 253 -16.24 -5.69 10.58
CA ILE A 253 -15.13 -4.77 10.36
CA ILE A 253 -15.10 -4.82 10.36
C ILE A 253 -14.62 -4.30 11.71
N SER A 254 -13.31 -4.34 11.93
CA SER A 254 -12.72 -3.94 13.19
C SER A 254 -11.70 -2.81 13.06
N PHE A 255 -11.28 -2.47 11.84
CA PHE A 255 -10.25 -1.47 11.61
C PHE A 255 -10.36 -0.98 10.19
N LEU A 256 -10.40 0.36 10.00
CA LEU A 256 -10.56 0.93 8.69
C LEU A 256 -9.71 2.17 8.65
N ASP A 257 -8.62 2.12 7.88
CA ASP A 257 -7.69 3.25 7.80
C ASP A 257 -7.62 3.76 6.38
N ILE A 258 -8.03 5.02 6.20
CA ILE A 258 -8.08 5.65 4.90
C ILE A 258 -6.86 6.51 4.72
N PRO A 259 -6.08 6.25 3.66
CA PRO A 259 -4.89 7.06 3.40
C PRO A 259 -5.25 8.38 2.73
N PRO A 260 -4.28 9.26 2.46
CA PRO A 260 -4.59 10.48 1.68
C PRO A 260 -5.18 10.15 0.34
N LEU A 261 -6.22 10.94 -0.05
CA LEU A 261 -6.91 10.76 -1.31
C LEU A 261 -6.82 12.02 -2.11
N TYR A 262 -7.01 11.88 -3.43
CA TYR A 262 -6.77 12.96 -4.38
C TYR A 262 -7.87 13.04 -5.40
N ASP A 263 -8.15 14.24 -5.88
CA ASP A 263 -9.18 14.49 -6.89
C ASP A 263 -8.50 14.95 -8.18
N TRP A 264 -8.74 14.23 -9.28
CA TRP A 264 -8.15 14.59 -10.58
C TRP A 264 -8.67 15.95 -11.06
N VAL A 265 -7.75 16.86 -11.41
CA VAL A 265 -8.19 18.17 -11.89
C VAL A 265 -8.06 18.26 -13.41
N GLU A 266 -6.91 17.81 -13.95
CA GLU A 266 -6.68 17.92 -15.40
C GLU A 266 -5.55 17.03 -15.88
N THR A 267 -5.58 16.71 -17.18
CA THR A 267 -4.52 15.99 -17.86
C THR A 267 -3.50 17.01 -18.31
N THR A 268 -2.22 16.72 -18.10
CA THR A 268 -1.16 17.66 -18.54
C THR A 268 -0.50 17.14 -19.81
N GLU A 269 -0.25 15.84 -19.86
CA GLU A 269 0.35 15.17 -21.02
C GLU A 269 -0.05 13.71 -21.02
N THR A 270 0.08 13.07 -22.15
CA THR A 270 -0.20 11.65 -22.31
C THR A 270 0.92 11.10 -23.14
N GLY A 271 1.36 9.92 -22.79
CA GLY A 271 2.41 9.28 -23.56
C GLY A 271 2.43 7.81 -23.31
N GLU A 272 3.23 7.13 -24.10
CA GLU A 272 3.42 5.70 -23.96
C GLU A 272 4.49 5.44 -22.95
N ILE A 273 4.23 4.54 -22.01
CA ILE A 273 5.24 4.15 -21.03
C ILE A 273 6.08 3.01 -21.58
N LEU A 274 7.22 2.79 -20.96
CA LEU A 274 8.10 1.69 -21.29
C LEU A 274 7.50 0.38 -20.87
N HIS A 275 7.82 -0.69 -21.60
CA HIS A 275 7.46 -2.03 -21.16
C HIS A 275 8.32 -2.35 -19.95
N PRO A 276 7.86 -3.24 -19.06
CA PRO A 276 8.65 -3.49 -17.85
C PRO A 276 9.96 -4.25 -18.13
N SER A 277 10.09 -4.85 -19.33
CA SER A 277 11.37 -5.47 -19.70
C SER A 277 12.51 -4.45 -19.63
N SER A 278 12.25 -3.23 -20.12
CA SER A 278 13.25 -2.15 -20.17
C SER A 278 13.65 -1.76 -18.76
N ILE A 279 12.68 -1.72 -17.85
CA ILE A 279 12.92 -1.38 -16.45
C ILE A 279 13.70 -2.49 -15.76
N LEU A 280 13.28 -3.78 -15.95
CA LEU A 280 13.98 -4.84 -15.27
C LEU A 280 15.44 -4.94 -15.72
N SER A 281 15.73 -4.85 -17.04
CA SER A 281 17.11 -4.96 -17.46
CA SER A 281 17.10 -4.93 -17.51
C SER A 281 17.96 -3.81 -16.89
N LYS A 282 17.42 -2.58 -16.85
CA LYS A 282 18.14 -1.45 -16.30
C LYS A 282 18.34 -1.62 -14.78
N GLU A 283 17.31 -2.12 -14.09
CA GLU A 283 17.41 -2.31 -12.64
C GLU A 283 18.40 -3.44 -12.30
N VAL A 284 18.43 -4.52 -13.10
CA VAL A 284 19.42 -5.57 -12.87
C VAL A 284 20.83 -5.00 -13.07
N ASP A 285 21.04 -4.15 -14.10
CA ASP A 285 22.36 -3.58 -14.33
C ASP A 285 22.78 -2.75 -13.10
N LYS A 286 21.83 -2.02 -12.48
CA LYS A 286 22.11 -1.23 -11.28
CA LYS A 286 22.13 -1.22 -11.30
C LYS A 286 22.44 -2.13 -10.10
N LEU A 287 21.57 -3.11 -9.83
CA LEU A 287 21.70 -4.00 -8.68
C LEU A 287 22.98 -4.80 -8.72
N LYS A 288 23.47 -5.14 -9.93
CA LYS A 288 24.75 -5.87 -10.03
C LYS A 288 25.89 -5.09 -9.43
N LYS A 289 25.79 -3.76 -9.40
CA LYS A 289 26.83 -2.87 -8.85
C LYS A 289 26.81 -2.80 -7.33
N TYR A 290 25.71 -3.25 -6.71
CA TYR A 290 25.54 -3.15 -5.26
C TYR A 290 25.66 -4.50 -4.59
N VAL A 291 26.20 -5.45 -5.34
CA VAL A 291 26.50 -6.82 -4.97
C VAL A 291 27.30 -6.90 -3.64
N THR A 292 28.26 -5.99 -3.43
CA THR A 292 29.13 -6.04 -2.24
C THR A 292 28.39 -5.70 -0.96
N SER A 293 27.20 -5.10 -1.06
CA SER A 293 26.38 -4.71 0.07
C SER A 293 25.45 -5.87 0.49
N GLY A 294 25.47 -6.97 -0.28
CA GLY A 294 24.69 -8.16 0.05
C GLY A 294 23.89 -8.75 -1.09
N ASP A 295 23.51 -10.04 -0.92
CA ASP A 295 22.70 -10.75 -1.93
C ASP A 295 21.36 -10.07 -2.11
N ILE A 296 20.82 -10.12 -3.33
CA ILE A 296 19.59 -9.42 -3.65
C ILE A 296 18.53 -10.35 -4.21
N GLU A 297 17.25 -10.08 -3.88
CA GLU A 297 16.11 -10.77 -4.46
C GLU A 297 15.08 -9.73 -4.85
N VAL A 298 14.74 -9.64 -6.14
CA VAL A 298 13.70 -8.71 -6.64
C VAL A 298 12.35 -9.37 -6.36
N SER A 299 11.42 -8.63 -5.71
CA SER A 299 10.15 -9.20 -5.28
C SER A 299 8.92 -8.66 -6.01
N GLU A 300 8.99 -7.44 -6.57
CA GLU A 300 7.81 -6.90 -7.24
C GLU A 300 8.21 -5.80 -8.23
N ILE A 301 7.52 -5.78 -9.39
CA ILE A 301 7.64 -4.70 -10.35
C ILE A 301 6.22 -4.17 -10.51
N SER A 302 6.01 -2.88 -10.30
CA SER A 302 4.66 -2.33 -10.22
C SER A 302 4.54 -1.00 -10.92
N LEU A 303 3.46 -0.83 -11.70
CA LEU A 303 3.12 0.43 -12.36
C LEU A 303 2.27 1.24 -11.39
N GLU A 304 2.73 2.43 -11.03
CA GLU A 304 2.01 3.22 -10.03
C GLU A 304 1.97 4.68 -10.44
N TYR A 305 1.10 5.46 -9.78
CA TYR A 305 1.05 6.89 -9.98
C TYR A 305 1.72 7.57 -8.80
N MSE A 306 2.82 8.28 -9.08
CA MSE A 306 3.50 9.01 -8.01
C MSE A 306 3.00 10.45 -8.00
O MSE A 306 2.78 11.04 -9.06
CB MSE A 306 5.02 8.97 -8.20
CG MSE A 306 5.74 9.65 -7.06
SE MSE A 306 7.62 9.17 -7.01
CE MSE A 306 7.44 7.48 -6.14
N LEU A 307 2.84 10.98 -6.78
CA LEU A 307 2.46 12.37 -6.61
CA LEU A 307 2.42 12.36 -6.54
C LEU A 307 3.66 13.21 -6.25
N PHE A 308 3.75 14.39 -6.90
CA PHE A 308 4.83 15.33 -6.64
C PHE A 308 4.22 16.64 -6.23
N ALA A 309 4.57 17.12 -5.03
CA ALA A 309 3.99 18.39 -4.56
C ALA A 309 4.24 19.52 -5.57
N ASP A 310 3.19 20.32 -5.82
CA ASP A 310 3.29 21.40 -6.77
C ASP A 310 3.17 22.72 -6.01
N LYS A 311 1.95 23.13 -5.67
CA LYS A 311 1.63 24.37 -4.93
C LYS A 311 0.19 24.30 -4.48
N ASN A 312 -0.21 25.07 -3.48
N ASN A 312 -0.05 24.91 -3.31
CA ASN A 312 -1.62 25.21 -3.04
CA ASN A 312 -1.33 24.96 -2.59
C ASN A 312 -2.45 23.88 -3.01
C ASN A 312 -1.69 23.53 -2.24
N GLU A 313 -1.91 22.84 -2.35
N GLU A 313 -2.86 23.05 -2.65
CA GLU A 313 -2.52 21.50 -2.15
CA GLU A 313 -3.22 21.68 -2.37
C GLU A 313 -2.78 20.75 -3.49
C GLU A 313 -3.11 20.87 -3.67
N THR A 314 -2.16 21.22 -4.58
CA THR A 314 -2.15 20.56 -5.91
CA THR A 314 -2.09 20.54 -5.89
C THR A 314 -0.83 19.75 -6.04
N TYR A 315 -0.91 18.64 -6.75
CA TYR A 315 0.23 17.76 -6.99
C TYR A 315 0.27 17.38 -8.43
N ASP A 316 1.46 17.15 -8.98
CA ASP A 316 1.57 16.55 -10.31
C ASP A 316 1.45 15.05 -10.09
N ILE A 317 0.72 14.36 -10.95
CA ILE A 317 0.55 12.90 -10.87
C ILE A 317 1.17 12.30 -12.13
N LYS A 318 2.19 11.43 -11.97
CA LYS A 318 2.90 10.91 -13.13
C LYS A 318 3.14 9.44 -12.94
N PRO A 319 3.12 8.64 -14.01
CA PRO A 319 3.34 7.19 -13.82
C PRO A 319 4.80 6.87 -13.59
N VAL A 320 5.01 5.89 -12.74
CA VAL A 320 6.33 5.37 -12.42
C VAL A 320 6.29 3.85 -12.45
N TRP A 321 7.45 3.24 -12.73
CA TRP A 321 7.67 1.82 -12.50
C TRP A 321 8.47 1.69 -11.22
N VAL A 322 7.94 0.95 -10.23
CA VAL A 322 8.61 0.75 -8.95
C VAL A 322 9.13 -0.67 -8.91
N VAL A 323 10.39 -0.86 -8.52
CA VAL A 323 10.95 -2.19 -8.30
C VAL A 323 11.21 -2.33 -6.82
N TYR A 324 10.54 -3.32 -6.21
CA TYR A 324 10.73 -3.63 -4.79
C TYR A 324 11.65 -4.82 -4.72
N TYR A 325 12.67 -4.73 -3.83
CA TYR A 325 13.61 -5.83 -3.71
C TYR A 325 14.11 -5.96 -2.31
N TYR A 326 14.71 -7.11 -1.99
CA TYR A 326 15.35 -7.33 -0.71
C TYR A 326 16.85 -7.39 -0.87
N GLN A 327 17.58 -6.89 0.12
CA GLN A 327 19.02 -7.09 0.14
C GLN A 327 19.40 -7.64 1.50
N ASN A 328 20.24 -8.66 1.48
CA ASN A 328 20.68 -9.37 2.68
C ASN A 328 21.94 -8.69 3.21
N GLN A 329 21.73 -7.64 4.01
CA GLN A 329 22.82 -6.76 4.43
C GLN A 329 23.50 -7.19 5.72
N LEU A 330 24.80 -6.95 5.81
CA LEU A 330 25.56 -7.25 7.01
C LEU A 330 25.15 -6.26 8.13
N VAL A 331 24.83 -6.77 9.32
CA VAL A 331 24.45 -5.94 10.48
C VAL A 331 25.70 -5.21 10.99
N THR A 332 25.59 -3.89 11.29
CA THR A 332 26.75 -3.10 11.75
C THR A 332 27.36 -3.73 13.02
N GLY A 333 28.68 -3.88 13.01
CA GLY A 333 29.41 -4.47 14.13
C GLY A 333 29.47 -5.98 14.12
N GLU A 334 28.80 -6.65 13.13
CA GLU A 334 28.78 -8.10 13.03
C GLU A 334 29.74 -8.58 11.95
N ASN A 335 30.37 -9.73 12.16
CA ASN A 335 31.30 -10.29 11.19
C ASN A 335 30.53 -10.95 10.02
N SER A 336 29.42 -11.65 10.30
CA SER A 336 28.68 -12.36 9.25
C SER A 336 27.15 -12.31 9.38
N TYR A 337 26.61 -11.93 10.54
CA TYR A 337 25.15 -11.88 10.74
C TYR A 337 24.51 -10.85 9.79
N THR A 338 23.47 -11.28 9.06
CA THR A 338 22.79 -10.41 8.10
C THR A 338 21.31 -10.25 8.41
N GLN A 339 20.72 -9.21 7.82
CA GLN A 339 19.29 -8.89 7.90
C GLN A 339 18.76 -8.64 6.53
N LYS A 340 17.56 -9.16 6.24
CA LYS A 340 16.91 -8.99 4.95
C LYS A 340 16.20 -7.65 4.93
N MSE A 341 16.76 -6.70 4.19
CA MSE A 341 16.23 -5.34 4.12
C MSE A 341 15.32 -5.15 2.94
O MSE A 341 15.69 -5.49 1.83
CB MSE A 341 17.39 -4.33 4.01
CG MSE A 341 18.40 -4.40 5.14
SE MSE A 341 17.61 -4.03 6.92
CE MSE A 341 17.34 -2.36 6.78
N ALA A 342 14.15 -4.55 3.17
CA ALA A 342 13.16 -4.27 2.13
C ALA A 342 13.48 -2.89 1.52
N LEU A 343 13.85 -2.87 0.22
CA LEU A 343 14.30 -1.67 -0.46
C LEU A 343 13.50 -1.48 -1.75
N TYR A 344 13.73 -0.35 -2.43
CA TYR A 344 12.99 -0.13 -3.68
C TYR A 344 13.74 0.88 -4.54
N ASP A 345 13.41 0.83 -5.84
CA ASP A 345 13.90 1.78 -6.83
C ASP A 345 12.69 2.29 -7.61
N VAL A 346 12.79 3.50 -8.15
CA VAL A 346 11.68 4.13 -8.86
C VAL A 346 12.17 4.69 -10.18
N TYR A 347 11.42 4.44 -11.24
CA TYR A 347 11.73 4.94 -12.58
C TYR A 347 10.60 5.76 -13.11
N ASP A 348 10.92 6.86 -13.79
CA ASP A 348 9.91 7.58 -14.57
C ASP A 348 9.39 6.57 -15.62
N ALA A 349 8.05 6.36 -15.67
CA ALA A 349 7.57 5.29 -16.57
C ALA A 349 7.69 5.66 -18.04
N TYR A 350 7.73 6.95 -18.38
CA TYR A 350 7.87 7.36 -19.78
C TYR A 350 9.31 7.29 -20.23
N THR A 351 10.24 7.84 -19.43
CA THR A 351 11.60 7.97 -19.90
C THR A 351 12.55 6.91 -19.41
N GLY A 352 12.21 6.21 -18.35
CA GLY A 352 13.12 5.25 -17.73
C GLY A 352 14.16 5.92 -16.84
N GLU A 353 14.07 7.26 -16.63
CA GLU A 353 14.97 7.96 -15.70
C GLU A 353 14.89 7.27 -14.33
N GLU A 354 16.05 6.91 -13.79
CA GLU A 354 16.11 6.32 -12.46
C GLU A 354 16.22 7.42 -11.42
N TYR A 355 15.33 7.41 -10.44
CA TYR A 355 15.36 8.39 -9.36
C TYR A 355 16.31 7.96 -8.27
N ARG A 356 16.92 8.93 -7.61
CA ARG A 356 17.85 8.71 -6.51
C ARG A 356 17.06 8.28 -5.27
N ILE A 357 17.34 7.07 -4.75
CA ILE A 357 16.68 6.60 -3.51
C ILE A 357 17.79 6.45 -2.49
N GLN A 358 17.83 7.35 -1.50
CA GLN A 358 18.83 7.35 -0.41
C GLN A 358 18.28 6.76 0.88
NA NA B . -6.31 -17.70 17.07
#